data_2E8G
#
_entry.id   2E8G
#
_cell.length_a   49.186
_cell.length_b   71.691
_cell.length_c   69.193
_cell.angle_alpha   90.00
_cell.angle_beta   96.15
_cell.angle_gamma   90.00
#
_symmetry.space_group_name_H-M   'P 1 21 1'
#
loop_
_entity.id
_entity.type
_entity.pdbx_description
1 polymer 'Hypothetical protein PH0536'
2 water water
#
_entity_poly.entity_id   1
_entity_poly.type   'polypeptide(L)'
_entity_poly.pdbx_seq_one_letter_code
;MWDTSKDYRLLVAEKSVELFIRTIEGAKFRGQWDKKRSIQLAKEMIPDIQALRYSYIDPEELVDTPQMKDLKEKAKGIIE
ALGGEDWHHKFLSQASREDREKVEEQVARIKFFLNTILNLDRRLKLGKINDPVIAVDIVVGEVMSVGKHPSADRLLVTNV
NIGERAVTVVTNDLTVKEGNRVAVALLPPRNFFGIVSEGMFLGAGEGVLKNVKGEIGGLPKGIPLEALNETRNAVEAFLK
G
;
_entity_poly.pdbx_strand_id   A,B
#
# COMPACT_ATOMS: atom_id res chain seq x y z
N MET A 1 -32.59 -7.11 5.91
CA MET A 1 -31.29 -7.43 5.27
C MET A 1 -30.13 -6.95 6.16
N TRP A 2 -29.05 -7.71 6.19
CA TRP A 2 -27.86 -7.27 6.95
C TRP A 2 -26.96 -6.42 6.06
N ASP A 3 -26.62 -5.22 6.56
CA ASP A 3 -25.70 -4.37 5.82
C ASP A 3 -24.26 -4.76 6.12
N THR A 4 -23.79 -5.75 5.35
CA THR A 4 -22.42 -6.24 5.43
C THR A 4 -21.37 -5.16 5.16
N SER A 5 -21.74 -4.10 4.41
CA SER A 5 -20.77 -3.06 4.02
C SER A 5 -20.42 -2.16 5.22
N LYS A 6 -21.25 -2.21 6.25
CA LYS A 6 -21.02 -1.42 7.47
C LYS A 6 -20.61 -2.29 8.66
N ASP A 7 -20.43 -3.58 8.43
CA ASP A 7 -20.15 -4.52 9.50
C ASP A 7 -18.74 -4.30 10.05
N TYR A 8 -18.66 -3.96 11.34
CA TYR A 8 -17.36 -3.69 11.97
C TYR A 8 -16.40 -4.87 11.90
N ARG A 9 -16.92 -6.09 11.95
CA ARG A 9 -16.01 -7.27 11.96
C ARG A 9 -15.26 -7.31 10.62
N LEU A 10 -15.98 -7.04 9.53
CA LEU A 10 -15.37 -7.05 8.21
C LEU A 10 -14.49 -5.81 7.97
N LEU A 11 -14.89 -4.67 8.54
CA LEU A 11 -14.09 -3.45 8.41
C LEU A 11 -12.74 -3.61 9.12
N VAL A 12 -12.76 -4.22 10.30
CA VAL A 12 -11.53 -4.49 11.05
C VAL A 12 -10.65 -5.50 10.26
N ALA A 13 -11.28 -6.51 9.66
CA ALA A 13 -10.54 -7.45 8.82
C ALA A 13 -9.84 -6.71 7.67
N GLU A 14 -10.58 -5.86 6.96
CA GLU A 14 -10.01 -5.17 5.78
C GLU A 14 -8.84 -4.27 6.22
N LYS A 15 -9.07 -3.52 7.30
CA LYS A 15 -8.02 -2.61 7.80
C LYS A 15 -6.79 -3.38 8.32
N SER A 16 -7.00 -4.59 8.88
CA SER A 16 -5.87 -5.40 9.36
C SER A 16 -4.95 -5.87 8.21
N VAL A 17 -5.53 -6.12 7.05
CA VAL A 17 -4.73 -6.46 5.87
C VAL A 17 -3.84 -5.27 5.47
N GLU A 18 -4.45 -4.08 5.42
CA GLU A 18 -3.69 -2.86 5.14
C GLU A 18 -2.56 -2.68 6.13
N LEU A 19 -2.85 -2.91 7.42
CA LEU A 19 -1.85 -2.84 8.46
C LEU A 19 -0.72 -3.84 8.22
N PHE A 20 -1.09 -5.08 7.88
CA PHE A 20 -0.08 -6.09 7.61
C PHE A 20 0.87 -5.70 6.45
N ILE A 21 0.28 -5.26 5.35
CA ILE A 21 1.07 -4.92 4.12
C ILE A 21 2.04 -3.78 4.47
N ARG A 22 1.55 -2.73 5.14
CA ARG A 22 2.42 -1.62 5.55
C ARG A 22 3.55 -2.10 6.46
N THR A 23 3.21 -3.01 7.39
CA THR A 23 4.19 -3.53 8.34
C THR A 23 5.29 -4.32 7.65
N ILE A 24 4.86 -5.24 6.78
CA ILE A 24 5.79 -6.06 6.00
C ILE A 24 6.67 -5.24 5.07
N GLU A 25 6.06 -4.29 4.37
CA GLU A 25 6.80 -3.32 3.53
C GLU A 25 7.93 -2.64 4.27
N GLY A 26 7.67 -2.21 5.50
CA GLY A 26 8.65 -1.50 6.31
C GLY A 26 9.67 -2.43 6.94
N ALA A 27 9.47 -3.72 6.74
CA ALA A 27 10.34 -4.72 7.29
C ALA A 27 11.48 -4.97 6.29
N LYS A 28 12.59 -5.39 6.87
CA LYS A 28 13.84 -5.71 6.16
C LYS A 28 13.64 -6.80 5.10
N PHE A 29 14.10 -6.60 3.86
CA PHE A 29 14.14 -7.74 2.93
C PHE A 29 15.30 -8.65 3.35
N ARG A 30 15.00 -9.92 3.62
CA ARG A 30 16.00 -10.93 4.03
C ARG A 30 15.81 -12.21 3.22
N GLY A 31 16.88 -13.02 3.14
CA GLY A 31 16.82 -14.26 2.37
C GLY A 31 16.06 -15.41 3.03
N GLN A 32 15.77 -15.26 4.32
CA GLN A 32 15.23 -16.32 5.20
C GLN A 32 13.70 -16.14 5.43
N TRP A 33 13.09 -15.17 4.75
CA TRP A 33 11.64 -15.12 4.69
C TRP A 33 11.19 -14.50 3.39
N ASP A 34 9.96 -14.84 3.02
CA ASP A 34 9.52 -14.46 1.69
C ASP A 34 8.64 -13.23 1.82
N LYS A 35 9.29 -12.05 1.79
CA LYS A 35 8.58 -10.76 1.85
C LYS A 35 7.57 -10.63 0.69
N LYS A 36 7.98 -10.96 -0.53
CA LYS A 36 7.09 -10.78 -1.68
C LYS A 36 5.89 -11.71 -1.58
N ARG A 37 6.09 -12.97 -1.21
CA ARG A 37 4.93 -13.88 -1.15
C ARG A 37 3.96 -13.44 -0.05
N SER A 38 4.52 -12.99 1.09
CA SER A 38 3.68 -12.51 2.21
C SER A 38 2.75 -11.39 1.76
N ILE A 39 3.34 -10.43 1.04
CA ILE A 39 2.59 -9.28 0.51
C ILE A 39 1.55 -9.73 -0.53
N GLN A 40 1.97 -10.60 -1.46
CA GLN A 40 1.05 -11.10 -2.50
C GLN A 40 -0.17 -11.80 -1.90
N LEU A 41 0.04 -12.69 -0.93
CA LEU A 41 -1.06 -13.42 -0.27
C LEU A 41 -2.01 -12.46 0.44
N ALA A 42 -1.44 -11.47 1.13
CA ALA A 42 -2.29 -10.47 1.83
C ALA A 42 -3.12 -9.66 0.82
N LYS A 43 -2.50 -9.25 -0.30
CA LYS A 43 -3.24 -8.52 -1.33
C LYS A 43 -4.39 -9.36 -1.86
N GLU A 44 -4.16 -10.68 -1.96
CA GLU A 44 -5.20 -11.60 -2.46
C GLU A 44 -6.40 -11.77 -1.51
N MET A 45 -6.22 -11.38 -0.25
CA MET A 45 -7.29 -11.38 0.75
C MET A 45 -8.31 -10.30 0.48
N ILE A 46 -7.86 -9.18 -0.09
CA ILE A 46 -8.71 -8.01 -0.29
C ILE A 46 -10.01 -8.31 -1.08
N PRO A 47 -9.90 -8.95 -2.28
CA PRO A 47 -11.15 -9.29 -2.98
C PRO A 47 -12.06 -10.22 -2.19
N ASP A 48 -11.51 -11.11 -1.35
CA ASP A 48 -12.35 -11.96 -0.51
C ASP A 48 -13.17 -11.12 0.47
N ILE A 49 -12.47 -10.22 1.17
CA ILE A 49 -13.11 -9.39 2.15
C ILE A 49 -14.11 -8.44 1.50
N GLN A 50 -13.75 -7.87 0.35
CA GLN A 50 -14.70 -6.96 -0.38
C GLN A 50 -15.96 -7.71 -0.78
N ALA A 51 -15.78 -8.94 -1.25
CA ALA A 51 -16.92 -9.78 -1.63
C ALA A 51 -17.87 -10.02 -0.46
N LEU A 52 -17.32 -10.32 0.71
CA LEU A 52 -18.12 -10.49 1.93
C LEU A 52 -18.83 -9.18 2.29
N ARG A 53 -18.07 -8.09 2.24
CA ARG A 53 -18.61 -6.75 2.59
C ARG A 53 -19.79 -6.33 1.72
N TYR A 54 -19.76 -6.72 0.45
CA TYR A 54 -20.78 -6.31 -0.50
C TYR A 54 -21.73 -7.43 -0.91
N SER A 55 -21.85 -8.43 -0.04
CA SER A 55 -22.72 -9.58 -0.29
C SER A 55 -24.13 -9.36 0.20
N TYR A 56 -24.26 -8.59 1.29
CA TYR A 56 -25.56 -8.36 1.98
C TYR A 56 -26.24 -9.63 2.48
N ILE A 57 -25.41 -10.61 2.79
CA ILE A 57 -25.85 -11.88 3.33
C ILE A 57 -25.72 -11.81 4.85
N ASP A 58 -26.55 -12.56 5.57
CA ASP A 58 -26.47 -12.55 7.03
C ASP A 58 -25.12 -13.06 7.52
N PRO A 59 -24.59 -12.45 8.60
CA PRO A 59 -23.22 -12.74 9.01
C PRO A 59 -23.00 -14.23 9.36
N GLU A 60 -23.99 -14.88 9.98
CA GLU A 60 -23.91 -16.32 10.25
C GLU A 60 -23.66 -17.15 9.00
N GLU A 61 -24.19 -16.67 7.86
CA GLU A 61 -24.08 -17.39 6.58
C GLU A 61 -22.79 -17.06 5.82
N LEU A 62 -22.09 -16.02 6.26
CA LEU A 62 -20.77 -15.66 5.70
C LEU A 62 -19.67 -16.65 6.11
N VAL A 63 -19.90 -17.32 7.24
CA VAL A 63 -18.95 -18.26 7.83
C VAL A 63 -18.60 -19.39 6.83
N ASP A 64 -19.63 -19.91 6.15
CA ASP A 64 -19.47 -21.08 5.29
C ASP A 64 -19.40 -20.72 3.82
N THR A 65 -18.70 -19.63 3.50
CA THR A 65 -18.53 -19.17 2.13
C THR A 65 -17.14 -19.55 1.60
N PRO A 66 -17.03 -19.76 0.28
CA PRO A 66 -15.69 -19.96 -0.31
C PRO A 66 -14.70 -18.83 0.01
N GLN A 67 -15.20 -17.60 0.12
CA GLN A 67 -14.34 -16.45 0.46
C GLN A 67 -13.74 -16.57 1.86
N MET A 68 -14.55 -17.03 2.82
CA MET A 68 -14.06 -17.22 4.17
C MET A 68 -13.01 -18.34 4.19
N LYS A 69 -13.29 -19.44 3.48
CA LYS A 69 -12.34 -20.54 3.39
C LYS A 69 -11.03 -20.05 2.77
N ASP A 70 -11.13 -19.25 1.71
CA ASP A 70 -9.96 -18.72 1.03
C ASP A 70 -9.16 -17.82 1.99
N LEU A 71 -9.85 -16.96 2.76
CA LEU A 71 -9.12 -16.05 3.68
C LEU A 71 -8.26 -16.85 4.65
N LYS A 72 -8.83 -17.90 5.22
CA LYS A 72 -8.08 -18.72 6.20
C LYS A 72 -6.88 -19.39 5.52
N GLU A 73 -7.10 -19.91 4.31
CA GLU A 73 -5.99 -20.50 3.54
C GLU A 73 -4.84 -19.52 3.28
N LYS A 74 -5.19 -18.28 2.93
CA LYS A 74 -4.20 -17.24 2.70
C LYS A 74 -3.43 -16.90 3.97
N ALA A 75 -4.12 -16.88 5.13
CA ALA A 75 -3.46 -16.61 6.42
C ALA A 75 -2.46 -17.69 6.76
N LYS A 76 -2.86 -18.95 6.56
CA LYS A 76 -1.93 -20.07 6.72
C LYS A 76 -0.74 -20.00 5.78
N GLY A 77 -0.99 -19.63 4.52
CA GLY A 77 0.07 -19.40 3.55
C GLY A 77 1.03 -18.29 3.93
N ILE A 78 0.52 -17.23 4.52
CA ILE A 78 1.41 -16.16 5.03
C ILE A 78 2.28 -16.67 6.15
N ILE A 79 1.69 -17.42 7.08
CA ILE A 79 2.44 -17.97 8.21
C ILE A 79 3.60 -18.79 7.64
N GLU A 80 3.34 -19.62 6.62
CA GLU A 80 4.45 -20.34 5.99
C GLU A 80 5.50 -19.42 5.34
N ALA A 81 5.06 -18.38 4.64
CA ALA A 81 5.97 -17.41 4.02
C ALA A 81 6.88 -16.73 5.03
N LEU A 82 6.30 -16.38 6.18
CA LEU A 82 7.04 -15.75 7.28
C LEU A 82 8.08 -16.63 7.95
N GLY A 83 8.00 -17.94 7.70
CA GLY A 83 8.93 -18.94 8.29
C GLY A 83 8.28 -20.05 9.11
N GLY A 84 6.97 -20.15 9.07
CA GLY A 84 6.24 -21.25 9.70
C GLY A 84 5.66 -20.91 11.05
N GLU A 85 5.28 -21.93 11.81
CA GLU A 85 4.57 -21.67 13.05
C GLU A 85 5.39 -20.87 14.06
N ASP A 86 6.73 -20.92 13.97
CA ASP A 86 7.59 -20.18 14.90
C ASP A 86 8.22 -18.95 14.28
N TRP A 87 7.50 -18.34 13.33
CA TRP A 87 7.99 -17.19 12.61
C TRP A 87 8.31 -16.08 13.62
N HIS A 88 7.46 -15.95 14.64
CA HIS A 88 7.60 -14.84 15.61
C HIS A 88 8.95 -14.88 16.38
N HIS A 89 9.57 -16.04 16.55
CA HIS A 89 10.87 -16.07 17.24
C HIS A 89 12.05 -15.78 16.27
N LYS A 90 11.81 -16.04 15.00
CA LYS A 90 12.83 -15.87 13.96
C LYS A 90 13.02 -14.38 13.69
N PHE A 91 11.91 -13.65 13.68
CA PHE A 91 11.98 -12.21 13.39
C PHE A 91 12.78 -11.55 14.48
N LEU A 92 12.44 -11.93 15.69
CA LEU A 92 12.90 -11.27 16.89
C LEU A 92 14.40 -11.51 17.00
N SER A 93 14.86 -12.61 16.41
CA SER A 93 16.27 -13.02 16.40
C SER A 93 17.16 -12.12 15.52
N GLN A 94 16.55 -11.47 14.53
CA GLN A 94 17.26 -10.49 13.72
C GLN A 94 17.48 -9.22 14.55
N ALA A 95 16.82 -9.20 15.70
CA ALA A 95 16.93 -8.13 16.68
C ALA A 95 17.94 -8.48 17.79
N SER A 96 18.47 -7.44 18.46
CA SER A 96 19.47 -7.60 19.51
C SER A 96 19.66 -6.25 20.19
N ARG A 97 20.03 -5.25 19.39
CA ARG A 97 20.27 -3.90 19.83
C ARG A 97 18.98 -3.16 20.09
N GLU A 98 18.86 -2.00 19.46
CA GLU A 98 17.58 -1.31 19.32
C GLU A 98 16.71 -2.09 18.33
N ASP A 99 17.35 -3.00 17.58
CA ASP A 99 16.56 -3.85 16.67
C ASP A 99 15.37 -4.50 17.35
N ARG A 100 15.51 -4.84 18.64
CA ARG A 100 14.39 -5.47 19.36
C ARG A 100 13.06 -4.69 19.28
N GLU A 101 13.10 -3.39 19.56
CA GLU A 101 11.86 -2.60 19.59
C GLU A 101 11.10 -2.54 18.24
N LYS A 102 11.86 -2.30 17.17
CA LYS A 102 11.27 -2.23 15.83
C LYS A 102 10.67 -3.59 15.48
N VAL A 103 11.40 -4.67 15.79
CA VAL A 103 10.90 -6.01 15.45
C VAL A 103 9.72 -6.43 16.35
N GLU A 104 9.78 -6.11 17.65
CA GLU A 104 8.65 -6.37 18.56
C GLU A 104 7.36 -5.74 18.06
N GLU A 105 7.45 -4.50 17.56
CA GLU A 105 6.28 -3.81 17.00
C GLU A 105 5.77 -4.50 15.76
N GLN A 106 6.69 -4.89 14.87
CA GLN A 106 6.34 -5.61 13.66
C GLN A 106 5.62 -6.93 14.00
N VAL A 107 6.22 -7.66 14.95
CA VAL A 107 5.71 -8.98 15.33
C VAL A 107 4.31 -8.81 15.94
N ALA A 108 4.17 -7.81 16.81
CA ALA A 108 2.87 -7.60 17.44
C ALA A 108 1.77 -7.31 16.38
N ARG A 109 2.14 -6.50 15.39
CA ARG A 109 1.16 -6.11 14.36
C ARG A 109 0.79 -7.31 13.50
N ILE A 110 1.80 -8.15 13.19
CA ILE A 110 1.52 -9.35 12.39
C ILE A 110 0.63 -10.32 13.15
N LYS A 111 0.88 -10.48 14.45
CA LYS A 111 0.04 -11.34 15.28
C LYS A 111 -1.40 -10.83 15.28
N PHE A 112 -1.58 -9.51 15.41
CA PHE A 112 -2.90 -8.92 15.47
C PHE A 112 -3.67 -9.24 14.15
N PHE A 113 -2.98 -9.10 13.03
CA PHE A 113 -3.55 -9.36 11.72
C PHE A 113 -3.90 -10.85 11.55
N LEU A 114 -2.95 -11.75 11.84
CA LEU A 114 -3.21 -13.16 11.68
C LEU A 114 -4.42 -13.60 12.49
N ASN A 115 -4.49 -13.16 13.74
CA ASN A 115 -5.63 -13.53 14.60
C ASN A 115 -6.95 -12.89 14.15
N THR A 116 -6.88 -11.65 13.65
CA THR A 116 -8.06 -11.02 13.07
C THR A 116 -8.62 -11.89 11.94
N ILE A 117 -7.76 -12.37 11.04
CA ILE A 117 -8.25 -13.17 9.91
C ILE A 117 -8.64 -14.58 10.38
N LEU A 118 -7.78 -15.24 11.14
CA LEU A 118 -8.03 -16.68 11.45
C LEU A 118 -9.24 -16.89 12.37
N ASN A 119 -9.60 -15.87 13.16
CA ASN A 119 -10.74 -15.99 14.04
C ASN A 119 -11.93 -15.10 13.64
N LEU A 120 -11.87 -14.58 12.41
CA LEU A 120 -12.97 -13.79 11.89
C LEU A 120 -14.27 -14.61 11.88
N ASP A 121 -14.17 -15.87 11.49
CA ASP A 121 -15.37 -16.70 11.43
C ASP A 121 -16.11 -16.81 12.78
N ARG A 122 -15.36 -16.89 13.89
CA ARG A 122 -15.95 -16.96 15.23
C ARG A 122 -16.75 -15.67 15.53
N ARG A 123 -16.23 -14.53 15.08
CA ARG A 123 -16.90 -13.26 15.30
C ARG A 123 -18.17 -13.14 14.45
N LEU A 124 -18.08 -13.57 13.20
CA LEU A 124 -19.27 -13.56 12.35
C LEU A 124 -20.38 -14.48 12.88
N LYS A 125 -19.98 -15.60 13.49
CA LYS A 125 -20.89 -16.58 14.09
C LYS A 125 -21.79 -15.98 15.15
N LEU A 126 -21.36 -14.86 15.75
CA LEU A 126 -22.17 -14.15 16.75
C LEU A 126 -23.46 -13.57 16.18
N GLY A 127 -23.49 -13.41 14.85
CA GLY A 127 -24.72 -13.07 14.15
C GLY A 127 -24.97 -11.58 13.94
N LYS A 128 -26.26 -11.23 13.93
CA LYS A 128 -26.70 -9.88 13.55
C LYS A 128 -26.51 -8.89 14.68
N ILE A 129 -25.24 -8.67 15.01
CA ILE A 129 -24.85 -7.71 16.03
C ILE A 129 -23.78 -6.82 15.41
N ASN A 130 -24.07 -5.53 15.30
CA ASN A 130 -23.05 -4.61 14.81
C ASN A 130 -22.58 -3.68 15.92
N ASP A 131 -21.42 -4.02 16.45
CA ASP A 131 -20.89 -3.40 17.64
C ASP A 131 -19.38 -3.49 17.46
N PRO A 132 -18.67 -2.34 17.43
CA PRO A 132 -17.23 -2.41 17.22
C PRO A 132 -16.55 -3.36 18.18
N VAL A 133 -17.14 -3.51 19.37
CA VAL A 133 -16.56 -4.32 20.41
C VAL A 133 -16.41 -5.80 20.02
N ILE A 134 -17.25 -6.34 19.14
CA ILE A 134 -17.12 -7.74 18.78
C ILE A 134 -16.27 -7.95 17.49
N ALA A 135 -15.67 -6.87 17.00
CA ALA A 135 -14.74 -6.90 15.85
C ALA A 135 -13.29 -7.23 16.23
N VAL A 136 -13.06 -7.35 17.55
CA VAL A 136 -11.76 -7.77 18.08
C VAL A 136 -11.99 -8.86 19.13
N ASP A 137 -10.99 -9.71 19.36
CA ASP A 137 -11.13 -10.72 20.40
C ASP A 137 -10.85 -10.14 21.76
N ILE A 138 -11.72 -10.46 22.72
CA ILE A 138 -11.50 -10.12 24.13
C ILE A 138 -11.42 -11.42 24.92
N VAL A 139 -10.34 -11.59 25.65
CA VAL A 139 -10.07 -12.89 26.31
C VAL A 139 -9.66 -12.71 27.77
N VAL A 140 -9.99 -13.69 28.60
CA VAL A 140 -9.56 -13.67 30.01
C VAL A 140 -8.06 -13.90 30.08
N GLY A 141 -7.38 -13.07 30.87
CA GLY A 141 -5.98 -13.27 31.15
C GLY A 141 -5.71 -13.26 32.65
N GLU A 142 -4.56 -13.78 33.03
CA GLU A 142 -4.06 -13.61 34.41
C GLU A 142 -2.75 -12.85 34.33
N VAL A 143 -2.67 -11.78 35.11
CA VAL A 143 -1.47 -10.95 35.12
C VAL A 143 -0.34 -11.74 35.78
N MET A 144 0.79 -11.84 35.09
CA MET A 144 1.94 -12.61 35.54
C MET A 144 2.98 -11.74 36.25
N SER A 145 3.17 -10.52 35.76
CA SER A 145 4.12 -9.58 36.35
C SER A 145 3.73 -8.18 36.00
N VAL A 146 4.13 -7.25 36.86
CA VAL A 146 3.89 -5.83 36.64
C VAL A 146 5.13 -5.02 37.00
N GLY A 147 5.25 -3.86 36.38
CA GLY A 147 6.32 -2.91 36.70
C GLY A 147 6.00 -1.53 36.17
N LYS A 148 6.56 -0.50 36.80
CA LYS A 148 6.47 0.87 36.30
C LYS A 148 7.08 1.01 34.90
N HIS A 149 6.42 1.78 34.03
CA HIS A 149 6.97 2.07 32.72
C HIS A 149 8.32 2.81 32.90
N PRO A 150 9.39 2.36 32.21
CA PRO A 150 10.76 2.90 32.37
C PRO A 150 10.88 4.40 32.13
N SER A 151 9.99 4.95 31.29
CA SER A 151 10.11 6.34 30.84
C SER A 151 8.79 7.13 30.77
N ALA A 152 7.72 6.57 31.33
CA ALA A 152 6.44 7.26 31.37
C ALA A 152 5.81 7.11 32.74
N ASP A 153 5.61 8.25 33.40
CA ASP A 153 5.37 8.33 34.83
C ASP A 153 4.08 7.62 35.28
N ARG A 154 3.02 7.78 34.49
CA ARG A 154 1.67 7.40 34.89
C ARG A 154 1.27 6.14 34.15
N LEU A 155 2.26 5.31 33.83
CA LEU A 155 2.00 4.12 33.02
C LEU A 155 2.61 2.86 33.68
N LEU A 156 1.87 1.75 33.60
CA LEU A 156 2.28 0.48 34.19
C LEU A 156 2.43 -0.56 33.07
N VAL A 157 3.53 -1.35 33.09
CA VAL A 157 3.74 -2.41 32.09
C VAL A 157 3.45 -3.75 32.74
N THR A 158 2.68 -4.59 32.03
CA THR A 158 2.27 -5.86 32.57
C THR A 158 2.51 -6.95 31.52
N ASN A 159 2.74 -8.17 32.01
CA ASN A 159 2.80 -9.37 31.18
C ASN A 159 1.61 -10.20 31.61
N VAL A 160 0.81 -10.63 30.62
CA VAL A 160 -0.45 -11.32 30.89
C VAL A 160 -0.52 -12.68 30.18
N ASN A 161 -0.84 -13.74 30.92
CA ASN A 161 -1.06 -15.07 30.36
C ASN A 161 -2.48 -15.09 29.80
N ILE A 162 -2.63 -15.21 28.47
CA ILE A 162 -3.96 -15.35 27.85
C ILE A 162 -4.19 -16.76 27.24
N GLY A 163 -3.41 -17.74 27.72
CA GLY A 163 -3.62 -19.14 27.38
C GLY A 163 -2.50 -19.67 26.51
N GLU A 164 -2.72 -19.65 25.20
CA GLU A 164 -1.73 -20.12 24.24
C GLU A 164 -0.70 -19.05 23.87
N ARG A 165 -0.79 -17.89 24.53
CA ARG A 165 -0.04 -16.70 24.17
C ARG A 165 0.18 -15.89 25.46
N ALA A 166 1.34 -15.26 25.62
CA ALA A 166 1.49 -14.23 26.64
C ALA A 166 1.59 -12.90 25.93
N VAL A 167 0.97 -11.87 26.51
CA VAL A 167 0.99 -10.52 25.95
C VAL A 167 1.46 -9.48 26.94
N THR A 168 2.18 -8.48 26.41
CA THR A 168 2.50 -7.27 27.18
C THR A 168 1.32 -6.33 27.03
N VAL A 169 0.84 -5.80 28.16
CA VAL A 169 -0.25 -4.82 28.16
C VAL A 169 0.15 -3.61 29.01
N VAL A 170 0.06 -2.42 28.41
CA VAL A 170 0.38 -1.16 29.11
C VAL A 170 -0.94 -0.59 29.59
N THR A 171 -0.97 -0.18 30.84
CA THR A 171 -2.19 0.41 31.39
C THR A 171 -1.92 1.65 32.23
N ASN A 172 -2.94 2.50 32.33
CA ASN A 172 -2.87 3.69 33.20
C ASN A 172 -3.37 3.39 34.62
N ASP A 173 -3.82 2.17 34.84
CA ASP A 173 -4.22 1.78 36.19
C ASP A 173 -3.01 1.21 36.92
N LEU A 174 -2.47 2.01 37.84
CA LEU A 174 -1.23 1.64 38.50
C LEU A 174 -1.44 0.64 39.64
N THR A 175 -2.70 0.22 39.85
CA THR A 175 -3.01 -0.74 40.93
C THR A 175 -3.20 -2.19 40.44
N VAL A 176 -3.06 -2.42 39.12
CA VAL A 176 -3.03 -3.79 38.57
C VAL A 176 -1.86 -4.59 39.15
N LYS A 177 -2.12 -5.83 39.53
CA LYS A 177 -1.13 -6.68 40.22
C LYS A 177 -1.08 -8.10 39.68
N GLU A 178 0.07 -8.74 39.90
CA GLU A 178 0.21 -10.18 39.71
C GLU A 178 -0.96 -10.94 40.30
N GLY A 179 -1.54 -11.82 39.50
CA GLY A 179 -2.66 -12.65 39.94
C GLY A 179 -4.03 -12.13 39.59
N ASN A 180 -4.11 -10.84 39.22
CA ASN A 180 -5.37 -10.23 38.74
C ASN A 180 -5.89 -11.04 37.57
N ARG A 181 -7.21 -11.17 37.51
CA ARG A 181 -7.88 -11.78 36.38
C ARG A 181 -8.48 -10.63 35.62
N VAL A 182 -8.05 -10.50 34.38
CA VAL A 182 -8.37 -9.34 33.56
C VAL A 182 -9.01 -9.76 32.23
N ALA A 183 -9.63 -8.81 31.54
CA ALA A 183 -10.10 -9.05 30.17
C ALA A 183 -9.23 -8.19 29.24
N VAL A 184 -8.53 -8.87 28.34
CA VAL A 184 -7.66 -8.20 27.39
C VAL A 184 -8.36 -8.11 26.01
N ALA A 185 -8.55 -6.89 25.55
CA ALA A 185 -9.04 -6.64 24.17
C ALA A 185 -7.82 -6.60 23.28
N LEU A 186 -7.80 -7.51 22.30
CA LEU A 186 -6.68 -7.69 21.38
C LEU A 186 -6.85 -6.67 20.24
N LEU A 187 -6.48 -5.46 20.57
CA LEU A 187 -6.58 -4.32 19.67
C LEU A 187 -5.26 -4.14 18.91
N PRO A 188 -5.25 -3.29 17.87
CA PRO A 188 -3.96 -2.99 17.19
C PRO A 188 -2.90 -2.58 18.22
N PRO A 189 -1.69 -3.13 18.10
CA PRO A 189 -0.66 -2.78 19.10
C PRO A 189 -0.29 -1.30 19.11
N ARG A 190 0.17 -0.82 20.26
CA ARG A 190 0.66 0.55 20.41
C ARG A 190 2.04 0.48 21.07
N ASN A 191 2.99 1.25 20.55
CA ASN A 191 4.33 1.28 21.07
C ASN A 191 4.47 2.46 22.01
N PHE A 192 4.36 2.20 23.32
CA PHE A 192 4.53 3.22 24.33
C PHE A 192 6.02 3.44 24.60
N PHE A 193 6.63 4.21 23.71
CA PHE A 193 8.00 4.72 23.89
C PHE A 193 9.02 3.61 24.07
N GLY A 194 8.82 2.53 23.31
CA GLY A 194 9.74 1.41 23.33
C GLY A 194 9.16 0.17 23.98
N ILE A 195 8.01 0.31 24.64
CA ILE A 195 7.30 -0.84 25.20
C ILE A 195 6.08 -1.11 24.34
N VAL A 196 6.09 -2.27 23.68
CA VAL A 196 5.03 -2.58 22.75
C VAL A 196 3.88 -3.28 23.47
N SER A 197 2.74 -2.61 23.45
CA SER A 197 1.52 -3.10 24.10
C SER A 197 0.63 -3.82 23.10
N GLU A 198 0.22 -5.03 23.45
CA GLU A 198 -0.53 -5.93 22.54
C GLU A 198 -2.04 -6.01 22.80
N GLY A 199 -2.53 -5.14 23.67
CA GLY A 199 -3.97 -5.03 23.90
C GLY A 199 -4.24 -4.02 24.99
N MET A 200 -5.49 -4.01 25.44
CA MET A 200 -5.93 -3.09 26.44
C MET A 200 -6.86 -3.83 27.38
N PHE A 201 -6.69 -3.61 28.68
CA PHE A 201 -7.62 -4.16 29.65
C PHE A 201 -8.98 -3.47 29.60
N LEU A 202 -10.05 -4.26 29.71
CA LEU A 202 -11.38 -3.70 30.00
C LEU A 202 -11.45 -3.02 31.38
N GLY A 203 -12.10 -1.87 31.41
CA GLY A 203 -12.31 -1.13 32.66
C GLY A 203 -13.15 0.09 32.37
N ALA A 204 -13.52 0.78 33.44
CA ALA A 204 -14.36 1.99 33.36
C ALA A 204 -13.99 2.87 34.54
N GLY A 205 -14.12 4.20 34.36
CA GLY A 205 -13.75 5.21 35.37
C GLY A 205 -12.96 4.81 36.61
N GLU A 206 -13.38 3.70 37.25
CA GLU A 206 -12.76 3.21 38.48
C GLU A 206 -11.50 2.37 38.22
N GLY A 207 -11.13 2.20 36.96
CA GLY A 207 -9.92 1.48 36.62
C GLY A 207 -10.20 0.13 35.99
N VAL A 208 -9.14 -0.67 35.89
CA VAL A 208 -9.16 -2.00 35.28
C VAL A 208 -10.00 -3.01 36.08
N LEU A 209 -10.79 -3.83 35.38
CA LEU A 209 -11.47 -4.96 36.01
C LEU A 209 -10.44 -6.01 36.38
N LYS A 210 -10.33 -6.31 37.67
CA LYS A 210 -9.25 -7.20 38.16
C LYS A 210 -9.74 -8.54 38.71
N ASN A 211 -11.05 -8.75 38.63
CA ASN A 211 -11.62 -10.00 39.10
C ASN A 211 -12.51 -10.64 38.06
N VAL A 212 -12.07 -10.56 36.80
CA VAL A 212 -12.84 -11.06 35.67
C VAL A 212 -13.05 -12.57 35.74
N LYS A 213 -14.29 -12.96 35.48
CA LYS A 213 -14.72 -14.37 35.51
C LYS A 213 -14.50 -15.03 34.16
N GLY A 214 -14.17 -16.32 34.19
CA GLY A 214 -13.88 -17.08 32.97
C GLY A 214 -12.58 -17.85 33.07
N GLU A 215 -12.40 -18.81 32.16
CA GLU A 215 -11.14 -19.55 32.06
C GLU A 215 -10.11 -18.72 31.30
N ILE A 216 -8.83 -18.90 31.61
CA ILE A 216 -7.76 -18.24 30.86
C ILE A 216 -7.88 -18.57 29.38
N GLY A 217 -7.85 -17.51 28.56
CA GLY A 217 -7.93 -17.61 27.12
C GLY A 217 -9.35 -17.72 26.62
N GLY A 218 -10.30 -17.79 27.55
CA GLY A 218 -11.70 -17.89 27.21
C GLY A 218 -12.39 -16.54 27.16
N LEU A 219 -13.67 -16.57 26.81
CA LEU A 219 -14.49 -15.35 26.77
C LEU A 219 -14.79 -14.93 28.20
N PRO A 220 -14.65 -13.64 28.49
CA PRO A 220 -14.95 -13.16 29.85
C PRO A 220 -16.44 -13.17 30.14
N LYS A 221 -16.80 -13.44 31.39
CA LYS A 221 -18.20 -13.50 31.80
C LYS A 221 -18.52 -12.34 32.73
N GLY A 222 -19.78 -11.87 32.67
CA GLY A 222 -20.29 -10.86 33.61
C GLY A 222 -19.64 -9.48 33.53
N ILE A 223 -19.12 -9.11 32.36
CA ILE A 223 -18.47 -7.81 32.16
C ILE A 223 -19.53 -6.69 32.19
N PRO A 224 -19.33 -5.65 33.04
CA PRO A 224 -20.27 -4.51 33.08
C PRO A 224 -20.20 -3.77 31.75
N LEU A 225 -21.35 -3.39 31.22
CA LEU A 225 -21.40 -2.75 29.90
C LEU A 225 -20.54 -1.48 29.82
N GLU A 226 -20.45 -0.73 30.91
CA GLU A 226 -19.63 0.51 30.90
C GLU A 226 -18.17 0.23 30.61
N ALA A 227 -17.73 -1.00 30.88
CA ALA A 227 -16.33 -1.39 30.65
C ALA A 227 -15.98 -1.66 29.17
N LEU A 228 -16.96 -1.48 28.28
CA LEU A 228 -16.79 -1.76 26.86
C LEU A 228 -16.50 -0.48 26.07
N ASN A 229 -16.73 0.67 26.72
CA ASN A 229 -16.67 1.94 26.00
C ASN A 229 -15.30 2.25 25.39
N GLU A 230 -14.26 2.08 26.18
CA GLU A 230 -12.91 2.41 25.69
C GLU A 230 -12.49 1.52 24.50
N THR A 231 -12.84 0.23 24.60
CA THR A 231 -12.60 -0.72 23.50
C THR A 231 -13.34 -0.30 22.23
N ARG A 232 -14.60 0.13 22.36
CA ARG A 232 -15.35 0.59 21.18
C ARG A 232 -14.64 1.79 20.55
N ASN A 233 -14.22 2.73 21.38
CA ASN A 233 -13.54 3.93 20.92
C ASN A 233 -12.24 3.59 20.17
N ALA A 234 -11.49 2.64 20.72
CA ALA A 234 -10.22 2.18 20.10
C ALA A 234 -10.44 1.53 18.73
N VAL A 235 -11.49 0.72 18.60
CA VAL A 235 -11.80 0.10 17.33
C VAL A 235 -12.15 1.17 16.31
N GLU A 236 -13.02 2.09 16.70
CA GLU A 236 -13.41 3.19 15.82
C GLU A 236 -12.22 4.01 15.38
N ALA A 237 -11.30 4.28 16.30
CA ALA A 237 -10.07 5.05 15.98
C ALA A 237 -9.22 4.31 14.96
N PHE A 238 -9.13 2.98 15.10
CA PHE A 238 -8.39 2.17 14.12
C PHE A 238 -9.00 2.29 12.73
N LEU A 239 -10.33 2.24 12.65
CA LEU A 239 -10.95 2.26 11.36
C LEU A 239 -10.80 3.62 10.67
N LYS A 240 -10.66 4.65 11.50
CA LYS A 240 -10.12 6.02 11.22
C LYS A 240 -10.77 7.13 12.05
N MET B 1 -23.36 9.55 -26.15
CA MET B 1 -22.11 9.08 -26.83
C MET B 1 -20.90 9.74 -26.17
N TRP B 2 -19.77 9.03 -26.19
CA TRP B 2 -18.50 9.49 -25.62
C TRP B 2 -17.61 10.07 -26.73
N ASP B 3 -17.13 11.29 -26.51
CA ASP B 3 -16.27 11.93 -27.48
C ASP B 3 -14.85 11.45 -27.29
N THR B 4 -14.54 10.37 -27.99
CA THR B 4 -13.22 9.75 -27.99
C THR B 4 -12.16 10.68 -28.56
N SER B 5 -12.58 11.63 -29.41
CA SER B 5 -11.63 12.51 -30.09
C SER B 5 -11.03 13.57 -29.16
N LYS B 6 -11.66 13.78 -28.00
CA LYS B 6 -11.07 14.67 -27.02
C LYS B 6 -10.65 13.98 -25.75
N ASP B 7 -10.75 12.65 -25.74
CA ASP B 7 -10.38 11.89 -24.53
C ASP B 7 -8.90 12.07 -24.20
N TYR B 8 -8.58 12.60 -23.00
CA TYR B 8 -7.15 12.90 -22.69
C TYR B 8 -6.27 11.65 -22.61
N ARG B 9 -6.85 10.54 -22.21
CA ARG B 9 -6.05 9.30 -22.17
C ARG B 9 -5.48 8.98 -23.59
N LEU B 10 -6.31 9.12 -24.62
CA LEU B 10 -5.88 8.82 -25.99
C LEU B 10 -4.99 9.90 -26.55
N LEU B 11 -5.25 11.16 -26.14
CA LEU B 11 -4.39 12.28 -26.55
C LEU B 11 -3.00 12.13 -25.97
N VAL B 12 -2.91 11.77 -24.69
CA VAL B 12 -1.61 11.45 -24.10
C VAL B 12 -0.91 10.29 -24.79
N ALA B 13 -1.65 9.23 -25.11
CA ALA B 13 -1.07 8.10 -25.82
C ALA B 13 -0.47 8.56 -27.15
N GLU B 14 -1.25 9.37 -27.90
CA GLU B 14 -0.79 9.86 -29.22
C GLU B 14 0.47 10.73 -29.08
N LYS B 15 0.44 11.65 -28.14
CA LYS B 15 1.59 12.54 -27.89
C LYS B 15 2.81 11.77 -27.43
N SER B 16 2.58 10.67 -26.68
CA SER B 16 3.73 9.87 -26.20
C SER B 16 4.47 9.15 -27.34
N VAL B 17 3.74 8.78 -28.39
CA VAL B 17 4.36 8.19 -29.60
C VAL B 17 5.27 9.23 -30.25
N GLU B 18 4.77 10.45 -30.40
CA GLU B 18 5.55 11.56 -30.94
C GLU B 18 6.83 11.74 -30.12
N LEU B 19 6.67 11.76 -28.80
CA LEU B 19 7.80 11.88 -27.90
C LEU B 19 8.81 10.74 -28.08
N PHE B 20 8.32 9.52 -28.14
CA PHE B 20 9.22 8.37 -28.36
C PHE B 20 10.01 8.48 -29.69
N ILE B 21 9.32 8.78 -30.77
CA ILE B 21 10.00 8.90 -32.07
C ILE B 21 11.10 9.98 -32.01
N ARG B 22 10.79 11.15 -31.46
CA ARG B 22 11.79 12.23 -31.38
C ARG B 22 13.00 11.82 -30.53
N THR B 23 12.72 11.07 -29.47
CA THR B 23 13.72 10.65 -28.52
C THR B 23 14.62 9.63 -29.18
N ILE B 24 14.03 8.64 -29.83
CA ILE B 24 14.82 7.59 -30.43
C ILE B 24 15.63 8.06 -31.68
N GLU B 25 15.13 9.04 -32.42
CA GLU B 25 15.96 9.62 -33.51
C GLU B 25 17.34 10.05 -33.02
N GLY B 26 17.42 10.60 -31.81
CA GLY B 26 18.69 11.09 -31.26
C GLY B 26 19.47 10.06 -30.46
N ALA B 27 19.00 8.83 -30.50
CA ALA B 27 19.61 7.78 -29.70
C ALA B 27 20.81 7.19 -30.43
N LYS B 28 21.94 7.06 -29.72
CA LYS B 28 23.18 6.58 -30.35
C LYS B 28 23.74 5.32 -29.66
N PHE B 29 22.89 4.61 -28.94
CA PHE B 29 23.34 3.40 -28.25
C PHE B 29 24.01 2.35 -29.10
N ARG B 30 25.07 1.78 -28.53
CA ARG B 30 25.78 0.64 -29.06
C ARG B 30 25.12 -0.67 -28.62
N GLY B 31 25.61 -1.78 -29.16
CA GLY B 31 25.06 -3.08 -28.83
C GLY B 31 23.91 -3.40 -29.77
N GLN B 32 23.37 -4.61 -29.64
CA GLN B 32 22.35 -5.11 -30.54
C GLN B 32 20.99 -4.51 -30.16
N TRP B 33 20.57 -3.57 -30.98
CA TRP B 33 19.20 -3.04 -30.94
C TRP B 33 18.78 -2.61 -32.34
N ASP B 34 17.48 -2.45 -32.55
CA ASP B 34 16.99 -2.17 -33.89
C ASP B 34 16.22 -0.86 -33.92
N LYS B 35 16.96 0.21 -34.18
CA LYS B 35 16.42 1.58 -34.14
C LYS B 35 15.31 1.77 -35.16
N LYS B 36 15.60 1.41 -36.41
CA LYS B 36 14.63 1.49 -37.50
C LYS B 36 13.33 0.77 -37.15
N ARG B 37 13.44 -0.46 -36.66
CA ARG B 37 12.24 -1.22 -36.30
C ARG B 37 11.48 -0.53 -35.16
N SER B 38 12.20 0.01 -34.20
CA SER B 38 11.57 0.67 -33.05
C SER B 38 10.71 1.86 -33.54
N ILE B 39 11.26 2.65 -34.46
CA ILE B 39 10.56 3.78 -35.07
C ILE B 39 9.38 3.33 -35.94
N GLN B 40 9.59 2.30 -36.73
CA GLN B 40 8.57 1.70 -37.57
C GLN B 40 7.35 1.23 -36.76
N LEU B 41 7.59 0.45 -35.71
CA LEU B 41 6.49 -0.02 -34.82
C LEU B 41 5.78 1.13 -34.13
N ALA B 42 6.52 2.15 -33.70
CA ALA B 42 5.90 3.35 -33.12
C ALA B 42 4.98 4.04 -34.13
N LYS B 43 5.48 4.21 -35.34
CA LYS B 43 4.69 4.84 -36.40
C LYS B 43 3.42 4.05 -36.64
N GLU B 44 3.50 2.74 -36.56
CA GLU B 44 2.34 1.86 -36.73
C GLU B 44 1.30 1.99 -35.63
N MET B 45 1.70 2.50 -34.48
CA MET B 45 0.74 2.75 -33.40
C MET B 45 -0.22 3.87 -33.75
N ILE B 46 0.22 4.82 -34.57
CA ILE B 46 -0.57 6.04 -34.84
C ILE B 46 -1.97 5.72 -35.41
N PRO B 47 -2.06 4.89 -36.49
CA PRO B 47 -3.42 4.57 -36.97
C PRO B 47 -4.30 3.86 -35.94
N ASP B 48 -3.70 3.03 -35.08
CA ASP B 48 -4.45 2.36 -33.99
C ASP B 48 -5.02 3.40 -33.03
N ILE B 49 -4.16 4.32 -32.57
CA ILE B 49 -4.60 5.38 -31.63
C ILE B 49 -5.64 6.27 -32.30
N GLN B 50 -5.39 6.66 -33.54
CA GLN B 50 -6.34 7.50 -34.29
C GLN B 50 -7.69 6.81 -34.48
N ALA B 51 -7.65 5.51 -34.76
CA ALA B 51 -8.86 4.69 -34.85
C ALA B 51 -9.66 4.77 -33.55
N LEU B 52 -8.97 4.59 -32.42
CA LEU B 52 -9.60 4.68 -31.12
C LEU B 52 -10.17 6.08 -30.88
N ARG B 53 -9.39 7.11 -31.21
CA ARG B 53 -9.83 8.50 -31.06
C ARG B 53 -11.04 8.87 -31.89
N TYR B 54 -11.16 8.28 -33.08
CA TYR B 54 -12.24 8.67 -34.00
C TYR B 54 -13.36 7.62 -34.03
N SER B 55 -13.36 6.76 -33.01
CA SER B 55 -14.36 5.67 -32.92
C SER B 55 -15.72 6.10 -32.35
N TYR B 56 -15.67 6.99 -31.35
CA TYR B 56 -16.87 7.48 -30.65
C TYR B 56 -17.60 6.35 -29.91
N ILE B 57 -16.79 5.36 -29.51
CA ILE B 57 -17.23 4.22 -28.71
C ILE B 57 -16.92 4.55 -27.24
N ASP B 58 -17.70 4.01 -26.29
CA ASP B 58 -17.46 4.20 -24.87
C ASP B 58 -16.06 3.71 -24.45
N PRO B 59 -15.41 4.42 -23.48
CA PRO B 59 -14.02 4.10 -23.11
C PRO B 59 -13.85 2.67 -22.62
N GLU B 60 -14.83 2.17 -21.86
CA GLU B 60 -14.76 0.78 -21.37
C GLU B 60 -14.75 -0.25 -22.50
N GLU B 61 -15.43 0.07 -23.61
CA GLU B 61 -15.50 -0.80 -24.80
C GLU B 61 -14.28 -0.71 -25.72
N LEU B 62 -13.52 0.37 -25.59
CA LEU B 62 -12.28 0.54 -26.34
C LEU B 62 -11.23 -0.50 -25.93
N VAL B 63 -11.34 -0.97 -24.68
CA VAL B 63 -10.37 -1.89 -24.08
C VAL B 63 -10.27 -3.21 -24.85
N ASP B 64 -11.41 -3.76 -25.29
CA ASP B 64 -11.39 -5.03 -26.01
C ASP B 64 -11.56 -4.88 -27.53
N THR B 65 -10.90 -3.86 -28.08
CA THR B 65 -10.90 -3.59 -29.50
C THR B 65 -9.61 -4.19 -30.09
N PRO B 66 -9.65 -4.61 -31.37
CA PRO B 66 -8.41 -5.09 -32.02
C PRO B 66 -7.31 -4.04 -32.03
N GLN B 67 -7.71 -2.77 -32.11
CA GLN B 67 -6.75 -1.66 -32.06
C GLN B 67 -6.00 -1.61 -30.74
N MET B 68 -6.71 -1.81 -29.62
CA MET B 68 -6.04 -1.85 -28.32
C MET B 68 -5.07 -3.02 -28.25
N LYS B 69 -5.53 -4.20 -28.68
CA LYS B 69 -4.70 -5.40 -28.69
C LYS B 69 -3.41 -5.18 -29.49
N ASP B 70 -3.56 -4.61 -30.69
CA ASP B 70 -2.45 -4.38 -31.60
C ASP B 70 -1.49 -3.34 -31.00
N LEU B 71 -2.05 -2.31 -30.36
CA LEU B 71 -1.24 -1.30 -29.72
C LEU B 71 -0.28 -1.91 -28.68
N LYS B 72 -0.80 -2.77 -27.82
CA LYS B 72 -0.01 -3.44 -26.80
C LYS B 72 1.07 -4.35 -27.43
N GLU B 73 0.69 -5.09 -28.47
CA GLU B 73 1.64 -5.92 -29.23
C GLU B 73 2.82 -5.10 -29.78
N LYS B 74 2.49 -3.93 -30.34
CA LYS B 74 3.52 -3.01 -30.88
C LYS B 74 4.46 -2.52 -29.78
N ALA B 75 3.91 -2.21 -28.60
CA ALA B 75 4.76 -1.80 -27.45
C ALA B 75 5.72 -2.91 -27.05
N LYS B 76 5.23 -4.15 -26.96
CA LYS B 76 6.09 -5.28 -26.65
C LYS B 76 7.14 -5.51 -27.74
N GLY B 77 6.76 -5.29 -28.99
CA GLY B 77 7.70 -5.34 -30.13
C GLY B 77 8.80 -4.30 -30.07
N ILE B 78 8.47 -3.10 -29.59
CA ILE B 78 9.46 -2.06 -29.42
C ILE B 78 10.45 -2.47 -28.32
N ILE B 79 9.93 -3.00 -27.21
CA ILE B 79 10.80 -3.45 -26.10
C ILE B 79 11.79 -4.45 -26.65
N GLU B 80 11.31 -5.37 -27.50
CA GLU B 80 12.22 -6.34 -28.17
C GLU B 80 13.27 -5.64 -29.06
N ALA B 81 12.82 -4.67 -29.85
CA ALA B 81 13.71 -3.93 -30.77
C ALA B 81 14.75 -3.12 -30.01
N LEU B 82 14.42 -2.69 -28.80
CA LEU B 82 15.37 -1.93 -27.97
C LEU B 82 16.40 -2.81 -27.27
N GLY B 83 16.20 -4.15 -27.29
CA GLY B 83 17.10 -5.07 -26.59
C GLY B 83 16.43 -6.00 -25.58
N GLY B 84 15.10 -5.99 -25.52
CA GLY B 84 14.37 -6.91 -24.64
C GLY B 84 14.10 -6.29 -23.28
N GLU B 85 13.77 -7.13 -22.30
CA GLU B 85 13.24 -6.57 -21.04
C GLU B 85 14.26 -5.72 -20.29
N ASP B 86 15.54 -5.99 -20.52
CA ASP B 86 16.62 -5.29 -19.85
C ASP B 86 17.18 -4.14 -20.70
N TRP B 87 16.43 -3.70 -21.70
CA TRP B 87 16.90 -2.65 -22.62
C TRP B 87 17.40 -1.42 -21.84
N HIS B 88 16.69 -1.05 -20.76
CA HIS B 88 17.05 0.17 -20.03
C HIS B 88 18.38 0.03 -19.31
N HIS B 89 18.65 -1.18 -18.81
CA HIS B 89 19.97 -1.45 -18.22
C HIS B 89 21.05 -1.43 -19.29
N LYS B 90 20.80 -2.06 -20.43
CA LYS B 90 21.77 -2.07 -21.55
C LYS B 90 22.12 -0.63 -21.98
N PHE B 91 21.11 0.23 -22.05
CA PHE B 91 21.31 1.63 -22.45
C PHE B 91 22.05 2.46 -21.38
N LEU B 92 21.56 2.40 -20.12
CA LEU B 92 22.13 3.21 -19.04
C LEU B 92 23.55 2.82 -18.73
N SER B 93 23.85 1.54 -18.91
CA SER B 93 25.20 1.04 -18.65
C SER B 93 26.25 1.66 -19.58
N GLN B 94 25.80 2.20 -20.71
CA GLN B 94 26.69 2.80 -21.72
C GLN B 94 27.05 4.25 -21.45
N ALA B 95 26.30 4.86 -20.53
CA ALA B 95 26.45 6.29 -20.19
C ALA B 95 27.88 6.61 -19.78
N SER B 96 28.38 7.73 -20.31
CA SER B 96 29.70 8.22 -20.01
C SER B 96 29.46 9.54 -19.32
N ARG B 97 30.48 10.05 -18.65
CA ARG B 97 30.34 11.33 -18.01
C ARG B 97 29.74 12.35 -18.98
N GLU B 98 30.23 12.36 -20.22
CA GLU B 98 29.89 13.39 -21.23
C GLU B 98 28.48 13.25 -21.78
N ASP B 99 27.96 12.03 -21.82
CA ASP B 99 26.61 11.85 -22.34
C ASP B 99 25.58 11.32 -21.33
N ARG B 100 25.96 11.28 -20.05
CA ARG B 100 25.08 10.79 -18.97
C ARG B 100 23.69 11.43 -19.00
N GLU B 101 23.66 12.77 -19.04
CA GLU B 101 22.34 13.47 -19.00
C GLU B 101 21.46 13.10 -20.18
N LYS B 102 22.05 13.08 -21.38
CA LYS B 102 21.31 12.76 -22.59
C LYS B 102 20.77 11.35 -22.52
N VAL B 103 21.62 10.41 -22.10
CA VAL B 103 21.20 9.00 -21.97
C VAL B 103 20.08 8.83 -20.93
N GLU B 104 20.24 9.45 -19.77
CA GLU B 104 19.24 9.32 -18.71
C GLU B 104 17.90 9.91 -19.13
N GLU B 105 17.96 11.05 -19.80
CA GLU B 105 16.74 11.65 -20.35
C GLU B 105 16.07 10.70 -21.35
N GLN B 106 16.87 10.11 -22.25
CA GLN B 106 16.34 9.21 -23.29
C GLN B 106 15.65 8.01 -22.67
N VAL B 107 16.31 7.40 -21.69
CA VAL B 107 15.78 6.20 -21.09
C VAL B 107 14.47 6.52 -20.35
N ALA B 108 14.48 7.63 -19.61
CA ALA B 108 13.27 8.04 -18.86
C ALA B 108 12.09 8.35 -19.79
N ARG B 109 12.37 8.96 -20.95
CA ARG B 109 11.32 9.28 -21.92
C ARG B 109 10.74 8.00 -22.54
N ILE B 110 11.62 7.06 -22.83
CA ILE B 110 11.19 5.74 -23.36
C ILE B 110 10.32 4.99 -22.37
N LYS B 111 10.71 4.98 -21.09
CA LYS B 111 9.91 4.38 -20.00
C LYS B 111 8.52 5.00 -19.91
N PHE B 112 8.46 6.33 -19.95
CA PHE B 112 7.19 7.06 -19.87
C PHE B 112 6.29 6.62 -21.04
N PHE B 113 6.85 6.59 -22.25
CA PHE B 113 6.09 6.15 -23.42
C PHE B 113 5.61 4.69 -23.27
N LEU B 114 6.51 3.76 -22.92
CA LEU B 114 6.10 2.34 -22.90
C LEU B 114 5.00 2.15 -21.87
N ASN B 115 5.13 2.81 -20.73
CA ASN B 115 4.10 2.67 -19.68
C ASN B 115 2.77 3.35 -20.07
N THR B 116 2.87 4.47 -20.79
CA THR B 116 1.65 5.08 -21.36
C THR B 116 0.87 4.10 -22.23
N ILE B 117 1.58 3.43 -23.15
CA ILE B 117 0.91 2.47 -24.05
C ILE B 117 0.46 1.20 -23.31
N LEU B 118 1.39 0.61 -22.57
CA LEU B 118 1.13 -0.69 -21.91
C LEU B 118 0.01 -0.65 -20.84
N ASN B 119 -0.16 0.50 -20.18
CA ASN B 119 -1.19 0.65 -19.14
C ASN B 119 -2.34 1.56 -19.57
N LEU B 120 -2.42 1.87 -20.87
CA LEU B 120 -3.56 2.64 -21.40
C LEU B 120 -4.88 1.97 -21.09
N ASP B 121 -4.93 0.66 -21.27
CA ASP B 121 -6.16 -0.09 -21.06
C ASP B 121 -6.75 0.12 -19.66
N ARG B 122 -5.91 0.08 -18.63
CA ARG B 122 -6.38 0.29 -17.26
C ARG B 122 -6.99 1.67 -17.08
N ARG B 123 -6.39 2.66 -17.76
CA ARG B 123 -6.92 4.04 -17.71
C ARG B 123 -8.26 4.14 -18.39
N LEU B 124 -8.40 3.48 -19.53
CA LEU B 124 -9.68 3.49 -20.27
C LEU B 124 -10.79 2.80 -19.47
N LYS B 125 -10.39 1.80 -18.68
CA LYS B 125 -11.33 1.02 -17.86
C LYS B 125 -11.98 1.85 -16.76
N LEU B 126 -11.35 2.96 -16.39
CA LEU B 126 -11.95 3.91 -15.46
C LEU B 126 -13.28 4.51 -15.98
N GLY B 127 -13.52 4.44 -17.30
CA GLY B 127 -14.81 4.77 -17.91
C GLY B 127 -14.99 6.21 -18.33
N LYS B 128 -16.23 6.69 -18.29
CA LYS B 128 -16.56 8.01 -18.81
C LYS B 128 -16.18 9.16 -17.86
N ILE B 129 -14.87 9.30 -17.71
CA ILE B 129 -14.26 10.39 -16.96
C ILE B 129 -13.34 11.12 -17.93
N ASN B 130 -13.56 12.41 -18.18
CA ASN B 130 -12.57 13.09 -19.03
C ASN B 130 -11.91 14.20 -18.21
N ASP B 131 -10.93 13.78 -17.43
CA ASP B 131 -10.12 14.63 -16.59
C ASP B 131 -8.69 14.36 -17.02
N PRO B 132 -7.92 15.41 -17.40
CA PRO B 132 -6.55 15.14 -17.83
C PRO B 132 -5.72 14.31 -16.83
N VAL B 133 -6.09 14.36 -15.55
CA VAL B 133 -5.29 13.70 -14.50
C VAL B 133 -5.29 12.20 -14.60
N ILE B 134 -6.33 11.63 -15.19
CA ILE B 134 -6.36 10.18 -15.34
C ILE B 134 -5.66 9.65 -16.61
N ALA B 135 -5.03 10.55 -17.36
CA ALA B 135 -4.27 10.20 -18.59
C ALA B 135 -2.84 9.78 -18.29
N VAL B 136 -2.45 9.91 -17.02
CA VAL B 136 -1.11 9.44 -16.55
C VAL B 136 -1.35 8.58 -15.32
N ASP B 137 -0.37 7.72 -15.01
CA ASP B 137 -0.50 6.88 -13.83
C ASP B 137 -0.01 7.63 -12.61
N ILE B 138 -0.77 7.52 -11.54
CA ILE B 138 -0.38 8.07 -10.26
C ILE B 138 -0.33 6.89 -9.27
N VAL B 139 0.83 6.69 -8.63
CA VAL B 139 1.06 5.49 -7.81
C VAL B 139 1.70 5.84 -6.49
N VAL B 140 1.42 5.04 -5.45
CA VAL B 140 2.05 5.21 -4.14
C VAL B 140 3.53 4.84 -4.19
N GLY B 141 4.35 5.69 -3.59
CA GLY B 141 5.78 5.41 -3.48
C GLY B 141 6.23 5.59 -2.05
N GLU B 142 7.38 5.00 -1.74
CA GLU B 142 8.08 5.26 -0.46
C GLU B 142 9.39 5.95 -0.77
N VAL B 143 9.60 7.13 -0.18
CA VAL B 143 10.85 7.85 -0.39
C VAL B 143 12.00 7.06 0.25
N MET B 144 12.97 6.70 -0.59
CA MET B 144 14.12 5.89 -0.16
C MET B 144 15.30 6.73 0.30
N SER B 145 15.55 7.83 -0.40
CA SER B 145 16.61 8.75 -0.01
C SER B 145 16.33 10.16 -0.55
N VAL B 146 16.98 11.14 0.05
CA VAL B 146 16.70 12.55 -0.20
C VAL B 146 18.06 13.28 -0.18
N GLY B 147 18.21 14.31 -1.00
CA GLY B 147 19.42 15.14 -1.01
C GLY B 147 19.16 16.47 -1.68
N LYS B 148 19.77 17.53 -1.13
CA LYS B 148 19.68 18.81 -1.82
C LYS B 148 20.30 18.63 -3.20
N HIS B 149 19.70 19.29 -4.18
CA HIS B 149 20.19 19.27 -5.56
C HIS B 149 21.54 20.00 -5.59
N PRO B 150 22.57 19.39 -6.23
CA PRO B 150 23.93 19.95 -6.35
C PRO B 150 24.15 21.03 -7.43
N SER B 151 23.07 21.68 -7.88
CA SER B 151 23.14 22.73 -8.92
C SER B 151 21.95 23.68 -8.81
N ALA B 152 21.14 23.46 -7.78
CA ALA B 152 19.91 24.20 -7.61
C ALA B 152 19.53 24.27 -6.14
N ASP B 153 19.75 25.43 -5.53
CA ASP B 153 19.34 25.62 -4.15
C ASP B 153 17.82 25.52 -4.09
N ARG B 154 17.28 25.21 -2.92
CA ARG B 154 15.82 25.10 -2.74
C ARG B 154 15.12 24.09 -3.70
N LEU B 155 15.91 23.13 -4.19
CA LEU B 155 15.36 21.96 -4.87
C LEU B 155 15.93 20.74 -4.17
N LEU B 156 15.12 19.69 -4.08
CA LEU B 156 15.50 18.43 -3.47
C LEU B 156 15.40 17.30 -4.50
N VAL B 157 16.36 16.38 -4.47
CA VAL B 157 16.36 15.20 -5.34
C VAL B 157 16.01 14.02 -4.44
N THR B 158 15.10 13.19 -4.93
CA THR B 158 14.69 12.03 -4.16
C THR B 158 14.72 10.79 -5.04
N ASN B 159 14.98 9.64 -4.39
CA ASN B 159 14.81 8.31 -5.00
C ASN B 159 13.57 7.70 -4.35
N VAL B 160 12.64 7.19 -5.18
CA VAL B 160 11.36 6.74 -4.65
C VAL B 160 11.09 5.31 -5.14
N ASN B 161 10.75 4.41 -4.21
CA ASN B 161 10.36 3.05 -4.56
C ASN B 161 8.90 3.06 -4.93
N ILE B 162 8.60 2.76 -6.18
CA ILE B 162 7.20 2.67 -6.63
C ILE B 162 6.77 1.23 -6.97
N GLY B 163 7.47 0.25 -6.41
CA GLY B 163 7.10 -1.16 -6.54
C GLY B 163 8.12 -1.94 -7.32
N GLU B 164 7.86 -2.11 -8.61
CA GLU B 164 8.81 -2.83 -9.45
C GLU B 164 9.72 -1.89 -10.21
N ARG B 165 9.69 -0.61 -9.80
CA ARG B 165 10.52 0.43 -10.40
C ARG B 165 10.94 1.41 -9.29
N ALA B 166 12.15 1.96 -9.39
CA ALA B 166 12.55 3.09 -8.58
C ALA B 166 12.61 4.28 -9.49
N VAL B 167 12.13 5.43 -9.03
CA VAL B 167 12.20 6.65 -9.82
C VAL B 167 12.83 7.80 -9.06
N THR B 168 13.54 8.63 -9.81
CA THR B 168 14.08 9.89 -9.29
C THR B 168 13.03 10.96 -9.46
N VAL B 169 12.73 11.66 -8.37
CA VAL B 169 11.74 12.74 -8.40
C VAL B 169 12.36 13.98 -7.77
N VAL B 170 12.28 15.08 -8.50
CA VAL B 170 12.77 16.39 -7.99
C VAL B 170 11.57 17.21 -7.50
N THR B 171 11.73 17.84 -6.35
CA THR B 171 10.64 18.56 -5.71
C THR B 171 11.14 19.91 -5.15
N ASN B 172 10.23 20.87 -5.07
CA ASN B 172 10.57 22.14 -4.40
C ASN B 172 10.17 22.13 -2.92
N ASP B 173 9.59 21.03 -2.46
CA ASP B 173 9.32 20.82 -1.05
C ASP B 173 10.53 20.24 -0.35
N LEU B 174 11.25 21.10 0.37
CA LEU B 174 12.53 20.72 0.96
C LEU B 174 12.35 19.89 2.23
N THR B 175 11.09 19.68 2.64
CA THR B 175 10.76 18.93 3.84
C THR B 175 10.44 17.45 3.60
N VAL B 176 10.47 17.03 2.34
CA VAL B 176 10.31 15.62 2.01
C VAL B 176 11.48 14.79 2.58
N LYS B 177 11.16 13.62 3.17
CA LYS B 177 12.12 12.81 3.95
C LYS B 177 12.10 11.33 3.58
N GLU B 178 13.22 10.64 3.81
CA GLU B 178 13.23 9.16 3.78
C GLU B 178 12.07 8.59 4.61
N GLY B 179 11.36 7.63 4.04
CA GLY B 179 10.24 6.99 4.74
C GLY B 179 8.87 7.59 4.46
N ASN B 180 8.83 8.80 3.90
CA ASN B 180 7.56 9.41 3.50
C ASN B 180 6.86 8.50 2.49
N ARG B 181 5.53 8.48 2.57
CA ARG B 181 4.68 7.81 1.59
C ARG B 181 4.06 8.90 0.77
N VAL B 182 4.38 8.89 -0.52
CA VAL B 182 4.03 9.94 -1.46
C VAL B 182 3.18 9.36 -2.61
N ALA B 183 2.55 10.23 -3.40
CA ALA B 183 1.87 9.76 -4.63
C ALA B 183 2.65 10.38 -5.78
N VAL B 184 3.11 9.53 -6.69
CA VAL B 184 3.97 9.97 -7.79
C VAL B 184 3.15 9.94 -9.08
N ALA B 185 3.03 11.12 -9.70
CA ALA B 185 2.42 11.26 -11.03
C ALA B 185 3.51 10.99 -12.04
N LEU B 186 3.31 9.93 -12.81
CA LEU B 186 4.29 9.55 -13.86
C LEU B 186 4.10 10.42 -15.13
N LEU B 187 4.61 11.63 -15.04
CA LEU B 187 4.49 12.62 -16.12
C LEU B 187 5.72 12.52 -17.04
N PRO B 188 5.69 13.19 -18.22
CA PRO B 188 6.93 13.17 -19.02
C PRO B 188 8.11 13.69 -18.18
N PRO B 189 9.29 13.07 -18.34
CA PRO B 189 10.45 13.39 -17.55
C PRO B 189 10.94 14.81 -17.83
N ARG B 190 11.61 15.39 -16.85
CA ARG B 190 12.22 16.71 -16.94
C ARG B 190 13.64 16.70 -16.41
N ASN B 191 14.55 17.35 -17.13
CA ASN B 191 15.95 17.43 -16.70
C ASN B 191 16.14 18.73 -15.90
N PHE B 192 16.24 18.62 -14.58
CA PHE B 192 16.49 19.76 -13.67
C PHE B 192 17.98 19.92 -13.43
N PHE B 193 18.62 20.78 -14.22
CA PHE B 193 20.02 21.15 -14.00
C PHE B 193 20.97 19.95 -13.90
N GLY B 194 20.75 18.96 -14.75
CA GLY B 194 21.58 17.78 -14.80
C GLY B 194 21.04 16.55 -14.07
N ILE B 195 19.87 16.69 -13.45
CA ILE B 195 19.22 15.57 -12.75
C ILE B 195 17.86 15.32 -13.40
N VAL B 196 17.69 14.11 -13.90
CA VAL B 196 16.51 13.77 -14.67
C VAL B 196 15.49 13.26 -13.65
N SER B 197 14.34 13.93 -13.65
CA SER B 197 13.24 13.62 -12.76
C SER B 197 12.17 12.90 -13.55
N GLU B 198 11.67 11.80 -12.99
CA GLU B 198 10.76 10.88 -13.69
C GLU B 198 9.31 11.00 -13.23
N GLY B 199 9.02 11.99 -12.42
CA GLY B 199 7.64 12.19 -11.98
C GLY B 199 7.53 13.37 -11.07
N MET B 200 6.32 13.58 -10.56
CA MET B 200 6.06 14.72 -9.68
C MET B 200 5.20 14.24 -8.54
N PHE B 201 5.50 14.70 -7.33
CA PHE B 201 4.67 14.39 -6.17
C PHE B 201 3.38 15.17 -6.17
N LEU B 202 2.32 14.50 -5.74
CA LEU B 202 1.06 15.17 -5.45
C LEU B 202 1.21 16.04 -4.22
N GLY B 203 0.69 17.25 -4.33
CA GLY B 203 0.77 18.22 -3.24
C GLY B 203 -0.25 19.30 -3.45
N ALA B 204 -0.51 20.07 -2.39
CA ALA B 204 -1.54 21.11 -2.40
C ALA B 204 -1.24 22.13 -1.30
N GLY B 205 -1.35 23.42 -1.62
CA GLY B 205 -1.03 24.50 -0.68
C GLY B 205 0.21 24.25 0.17
N GLU B 206 0.04 23.50 1.26
CA GLU B 206 1.09 23.27 2.25
C GLU B 206 2.10 22.16 1.94
N GLY B 207 2.39 21.93 0.66
CA GLY B 207 3.50 21.05 0.27
C GLY B 207 3.08 19.68 -0.24
N VAL B 208 4.09 18.84 -0.45
CA VAL B 208 3.93 17.44 -0.88
C VAL B 208 3.16 16.63 0.17
N LEU B 209 2.26 15.77 -0.29
CA LEU B 209 1.57 14.84 0.60
C LEU B 209 2.56 13.76 1.00
N LYS B 210 2.81 13.61 2.30
CA LYS B 210 3.87 12.71 2.76
C LYS B 210 3.38 11.52 3.58
N ASN B 211 2.06 11.43 3.72
CA ASN B 211 1.47 10.36 4.50
C ASN B 211 0.41 9.67 3.71
N VAL B 212 0.69 9.45 2.42
CA VAL B 212 -0.28 8.90 1.49
C VAL B 212 -0.59 7.44 1.84
N LYS B 213 -1.87 7.12 1.82
CA LYS B 213 -2.35 5.78 2.08
C LYS B 213 -2.41 4.94 0.79
N GLY B 214 -2.11 3.65 0.96
CA GLY B 214 -2.08 2.69 -0.12
C GLY B 214 -0.84 1.84 -0.03
N GLU B 215 -0.82 0.76 -0.80
CA GLU B 215 0.36 -0.09 -0.85
C GLU B 215 1.33 0.51 -1.85
N ILE B 216 2.61 0.28 -1.65
CA ILE B 216 3.62 0.70 -2.65
C ILE B 216 3.28 0.19 -4.06
N GLY B 217 3.29 1.09 -5.04
CA GLY B 217 3.00 0.70 -6.43
C GLY B 217 1.53 0.66 -6.74
N GLY B 218 0.72 0.82 -5.70
CA GLY B 218 -0.73 0.86 -5.86
C GLY B 218 -1.32 2.23 -6.08
N LEU B 219 -2.64 2.26 -6.20
CA LEU B 219 -3.37 3.51 -6.36
C LEU B 219 -3.45 4.17 -5.00
N PRO B 220 -3.13 5.48 -4.93
CA PRO B 220 -3.23 6.16 -3.63
C PRO B 220 -4.68 6.35 -3.20
N LYS B 221 -4.89 6.35 -1.89
CA LYS B 221 -6.22 6.43 -1.30
C LYS B 221 -6.34 7.70 -0.50
N GLY B 222 -7.52 8.32 -0.55
CA GLY B 222 -7.85 9.45 0.32
C GLY B 222 -7.12 10.72 -0.04
N ILE B 223 -6.66 10.82 -1.29
CA ILE B 223 -6.04 12.04 -1.82
C ILE B 223 -7.03 13.22 -1.84
N PRO B 224 -6.68 14.35 -1.18
CA PRO B 224 -7.48 15.58 -1.30
C PRO B 224 -7.52 16.01 -2.76
N LEU B 225 -8.68 16.40 -3.27
CA LEU B 225 -8.78 16.65 -4.70
C LEU B 225 -7.93 17.83 -5.19
N GLU B 226 -7.66 18.80 -4.31
CA GLU B 226 -6.82 19.96 -4.67
C GLU B 226 -5.40 19.52 -5.02
N ALA B 227 -4.99 18.40 -4.42
CA ALA B 227 -3.67 17.79 -4.67
C ALA B 227 -3.46 17.29 -6.11
N LEU B 228 -4.54 17.23 -6.91
CA LEU B 228 -4.44 16.76 -8.30
C LEU B 228 -4.23 17.90 -9.30
N ASN B 229 -4.34 19.15 -8.82
CA ASN B 229 -4.38 20.30 -9.71
C ASN B 229 -3.07 20.53 -10.49
N GLU B 230 -1.91 20.41 -9.83
CA GLU B 230 -0.62 20.57 -10.53
C GLU B 230 -0.42 19.50 -11.60
N THR B 231 -0.76 18.26 -11.26
CA THR B 231 -0.67 17.14 -12.21
C THR B 231 -1.58 17.40 -13.42
N ARG B 232 -2.79 17.88 -13.15
CA ARG B 232 -3.70 18.23 -14.24
C ARG B 232 -3.09 19.30 -15.14
N ASN B 233 -2.54 20.36 -14.55
CA ASN B 233 -1.83 21.41 -15.28
C ASN B 233 -0.71 20.84 -16.15
N ALA B 234 0.06 19.92 -15.56
CA ALA B 234 1.21 19.32 -16.24
C ALA B 234 0.79 18.50 -17.46
N VAL B 235 -0.29 17.75 -17.34
CA VAL B 235 -0.82 16.95 -18.47
C VAL B 235 -1.25 17.88 -19.60
N GLU B 236 -2.02 18.91 -19.26
CA GLU B 236 -2.43 19.94 -20.23
C GLU B 236 -1.25 20.58 -20.96
N ALA B 237 -0.22 20.97 -20.22
CA ALA B 237 1.01 21.55 -20.74
C ALA B 237 1.68 20.60 -21.74
N PHE B 238 1.77 19.33 -21.37
CA PHE B 238 2.32 18.30 -22.24
C PHE B 238 1.52 18.27 -23.56
N LEU B 239 0.20 18.29 -23.45
CA LEU B 239 -0.65 18.18 -24.63
C LEU B 239 -0.54 19.39 -25.57
N LYS B 240 -0.33 20.57 -24.99
CA LYS B 240 -0.20 21.81 -25.76
C LYS B 240 1.23 22.02 -26.28
#